data_3DEZ
#
_entry.id   3DEZ
#
_cell.length_a   73.798
_cell.length_b   73.798
_cell.length_c   184.779
_cell.angle_alpha   90.00
_cell.angle_beta   90.00
_cell.angle_gamma   90.00
#
_symmetry.space_group_name_H-M   'P 41 21 2'
#
loop_
_entity.id
_entity.type
_entity.pdbx_description
1 polymer 'Orotate phosphoribosyltransferase'
2 non-polymer 'SULFATE ION'
3 water water
#
_entity_poly.entity_id   1
_entity_poly.type   'polypeptide(L)'
_entity_poly.pdbx_seq_one_letter_code
;MGSSHHHHHHSSGLVPRGSHMASMTGGQQMGRGSMTLAKDIARDLLDIKAVYLKPEEPFTWASGIKSPIYTDNRITLSYP
ETRTLIENGFVETIKEAFPEVEVIAGTATAGIPHGAIIADKMNLPLAYIRSKPKDHGAGNQIEGRVTKGQKMVIIEDLIS
TGGSVLDAVAAAQREGADVLGVVAIFTYELPKATANFEKASVKLVTLSNYSELIKVAKVQGYIDADGLTLLKKFKENQET
WQD
;
_entity_poly.pdbx_strand_id   A,B
#
loop_
_chem_comp.id
_chem_comp.type
_chem_comp.name
_chem_comp.formula
SO4 non-polymer 'SULFATE ION' 'O4 S -2'
#
# COMPACT_ATOMS: atom_id res chain seq x y z
N MET A 30 0.57 -4.38 -25.01
CA MET A 30 1.20 -5.64 -25.40
C MET A 30 2.66 -5.65 -24.99
N GLY A 31 2.94 -6.17 -23.80
CA GLY A 31 4.29 -6.24 -23.30
C GLY A 31 4.67 -5.06 -22.42
N ARG A 32 4.61 -3.86 -22.99
CA ARG A 32 4.96 -2.66 -22.26
C ARG A 32 4.14 -1.47 -22.74
N GLY A 33 4.46 -0.29 -22.23
CA GLY A 33 3.79 0.92 -22.66
C GLY A 33 4.58 1.64 -23.73
N SER A 34 4.65 2.96 -23.63
CA SER A 34 5.42 3.75 -24.58
C SER A 34 6.90 3.40 -24.49
N MET A 35 7.57 3.43 -25.63
CA MET A 35 9.00 3.14 -25.68
C MET A 35 9.77 4.18 -24.89
N THR A 36 9.21 5.38 -24.81
CA THR A 36 9.86 6.47 -24.12
C THR A 36 9.60 6.44 -22.61
N LEU A 37 8.50 5.84 -22.21
CA LEU A 37 8.20 5.66 -20.80
C LEU A 37 9.22 4.65 -20.25
N ALA A 38 9.35 3.52 -20.95
CA ALA A 38 10.29 2.47 -20.55
C ALA A 38 11.67 3.08 -20.38
N LYS A 39 12.04 3.96 -21.29
CA LYS A 39 13.34 4.60 -21.26
C LYS A 39 13.49 5.55 -20.08
N ASP A 40 12.50 6.41 -19.88
CA ASP A 40 12.58 7.36 -18.78
C ASP A 40 12.63 6.67 -17.42
N ILE A 41 11.71 5.73 -17.20
CA ILE A 41 11.66 5.00 -15.94
C ILE A 41 12.98 4.23 -15.65
N ALA A 42 13.49 3.55 -16.66
CA ALA A 42 14.74 2.82 -16.49
C ALA A 42 15.81 3.81 -16.04
N ARG A 43 15.79 5.00 -16.64
CA ARG A 43 16.71 6.07 -16.29
C ARG A 43 16.57 6.40 -14.82
N ASP A 44 15.35 6.61 -14.39
CA ASP A 44 15.08 6.93 -13.00
C ASP A 44 15.43 5.81 -12.03
N LEU A 45 15.16 4.56 -12.40
CA LEU A 45 15.46 3.43 -11.52
C LEU A 45 16.97 3.34 -11.25
N LEU A 46 17.76 3.60 -12.28
CA LEU A 46 19.20 3.54 -12.13
C LEU A 46 19.71 4.73 -11.31
N ASP A 47 19.17 5.91 -11.56
CA ASP A 47 19.60 7.12 -10.85
C ASP A 47 19.34 7.06 -9.34
N ILE A 48 18.11 6.74 -8.94
CA ILE A 48 17.80 6.69 -7.50
C ILE A 48 18.29 5.42 -6.84
N LYS A 49 18.80 4.50 -7.64
CA LYS A 49 19.30 3.23 -7.14
C LYS A 49 18.22 2.23 -6.74
N ALA A 50 17.17 2.15 -7.54
CA ALA A 50 16.10 1.18 -7.29
C ALA A 50 16.66 -0.10 -7.87
N VAL A 51 17.50 0.05 -8.89
CA VAL A 51 18.17 -1.08 -9.55
C VAL A 51 19.69 -0.88 -9.46
N TYR A 52 20.41 -1.92 -9.06
CA TYR A 52 21.86 -1.89 -8.98
C TYR A 52 22.38 -2.85 -10.04
N LEU A 53 23.46 -2.45 -10.74
CA LEU A 53 24.08 -3.30 -11.77
C LEU A 53 25.56 -3.49 -11.43
N LYS A 54 25.95 -4.74 -11.22
CA LYS A 54 27.33 -5.07 -10.89
C LYS A 54 27.73 -6.35 -11.60
N PRO A 55 27.92 -6.28 -12.91
CA PRO A 55 28.32 -7.47 -13.68
C PRO A 55 29.62 -8.13 -13.19
N GLU A 56 30.57 -7.32 -12.74
CA GLU A 56 31.87 -7.80 -12.28
C GLU A 56 31.92 -8.43 -10.89
N GLU A 57 30.97 -8.05 -10.04
CA GLU A 57 30.91 -8.60 -8.69
C GLU A 57 29.45 -8.82 -8.36
N PRO A 58 28.86 -9.90 -8.90
CA PRO A 58 27.45 -10.25 -8.68
C PRO A 58 27.03 -10.54 -7.26
N PHE A 59 25.73 -10.36 -7.02
CA PHE A 59 25.13 -10.62 -5.72
C PHE A 59 24.82 -12.11 -5.68
N THR A 60 24.21 -12.58 -4.59
CA THR A 60 23.89 -14.00 -4.47
C THR A 60 22.40 -14.29 -4.27
N TRP A 61 21.95 -15.38 -4.89
CA TRP A 61 20.56 -15.83 -4.83
C TRP A 61 20.57 -17.27 -4.28
N ILE A 65 21.56 -18.20 -6.81
CA ILE A 65 22.92 -18.17 -7.36
C ILE A 65 23.49 -16.76 -7.54
N LYS A 66 24.37 -16.59 -8.51
CA LYS A 66 25.00 -15.28 -8.76
C LYS A 66 24.22 -14.42 -9.76
N SER A 67 23.89 -13.20 -9.35
CA SER A 67 23.15 -12.27 -10.20
C SER A 67 23.84 -10.90 -10.32
N PRO A 68 23.99 -10.41 -11.55
CA PRO A 68 24.64 -9.11 -11.79
C PRO A 68 23.67 -7.95 -11.54
N ILE A 69 22.42 -8.29 -11.26
CA ILE A 69 21.41 -7.27 -11.02
C ILE A 69 20.63 -7.50 -9.73
N TYR A 70 20.31 -6.42 -9.05
CA TYR A 70 19.56 -6.46 -7.80
C TYR A 70 18.52 -5.33 -7.88
N THR A 71 17.29 -5.60 -7.46
CA THR A 71 16.24 -4.59 -7.54
C THR A 71 15.29 -4.50 -6.34
N ASP A 72 15.03 -3.26 -5.91
CA ASP A 72 14.08 -2.99 -4.84
C ASP A 72 13.32 -1.72 -5.21
N ASN A 73 12.18 -1.90 -5.87
CA ASN A 73 11.35 -0.79 -6.31
C ASN A 73 10.62 -0.07 -5.18
N ARG A 74 10.82 -0.56 -3.96
CA ARG A 74 10.19 0.10 -2.82
C ARG A 74 10.90 1.41 -2.57
N ILE A 75 12.15 1.51 -3.06
CA ILE A 75 12.95 2.71 -2.93
C ILE A 75 12.25 3.86 -3.67
N THR A 76 11.64 3.57 -4.82
CA THR A 76 10.98 4.61 -5.60
C THR A 76 9.87 5.35 -4.87
N LEU A 77 9.42 4.81 -3.75
CA LEU A 77 8.34 5.45 -2.98
C LEU A 77 8.83 6.63 -2.16
N SER A 78 10.14 6.70 -1.97
CA SER A 78 10.77 7.76 -1.20
C SER A 78 11.16 8.99 -2.03
N TYR A 79 11.03 8.90 -3.35
CA TYR A 79 11.38 10.01 -4.24
C TYR A 79 10.15 10.47 -5.05
N PRO A 80 9.38 11.41 -4.47
CA PRO A 80 8.17 11.96 -5.09
C PRO A 80 8.19 12.18 -6.60
N GLU A 81 9.29 12.72 -7.10
CA GLU A 81 9.37 12.96 -8.52
C GLU A 81 9.35 11.66 -9.30
N THR A 82 10.21 10.71 -8.94
CA THR A 82 10.25 9.43 -9.64
C THR A 82 8.95 8.66 -9.46
N ARG A 83 8.42 8.70 -8.24
CA ARG A 83 7.17 8.03 -7.88
C ARG A 83 6.05 8.51 -8.80
N THR A 84 5.93 9.81 -8.94
CA THR A 84 4.90 10.39 -9.79
C THR A 84 5.08 9.93 -11.23
N LEU A 85 6.33 9.82 -11.68
CA LEU A 85 6.59 9.37 -13.05
C LEU A 85 6.08 7.95 -13.22
N ILE A 86 6.37 7.11 -12.23
CA ILE A 86 5.95 5.72 -12.27
C ILE A 86 4.44 5.55 -12.18
N GLU A 87 3.81 6.21 -11.20
CA GLU A 87 2.38 6.08 -11.05
C GLU A 87 1.62 6.64 -12.26
N ASN A 88 2.09 7.75 -12.82
CA ASN A 88 1.41 8.29 -14.00
C ASN A 88 1.65 7.28 -15.11
N GLY A 89 2.85 6.71 -15.13
CA GLY A 89 3.14 5.70 -16.13
C GLY A 89 2.12 4.56 -16.02
N PHE A 90 1.80 4.16 -14.78
CA PHE A 90 0.84 3.07 -14.57
C PHE A 90 -0.51 3.48 -15.12
N VAL A 91 -1.01 4.63 -14.67
CA VAL A 91 -2.32 5.11 -15.12
C VAL A 91 -2.42 5.14 -16.65
N GLU A 92 -1.39 5.65 -17.31
CA GLU A 92 -1.40 5.73 -18.76
C GLU A 92 -1.41 4.35 -19.39
N THR A 93 -0.51 3.46 -18.97
CA THR A 93 -0.51 2.14 -19.61
C THR A 93 -1.72 1.28 -19.28
N ILE A 94 -2.43 1.61 -18.21
CA ILE A 94 -3.63 0.89 -17.84
C ILE A 94 -4.72 1.32 -18.83
N LYS A 95 -4.84 2.63 -19.03
CA LYS A 95 -5.82 3.17 -19.96
C LYS A 95 -5.65 2.61 -21.38
N GLU A 96 -4.43 2.23 -21.73
CA GLU A 96 -4.19 1.69 -23.07
C GLU A 96 -4.46 0.19 -23.13
N ALA A 97 -3.95 -0.54 -22.14
CA ALA A 97 -4.09 -1.99 -22.12
C ALA A 97 -5.34 -2.57 -21.43
N PHE A 98 -5.80 -1.91 -20.39
CA PHE A 98 -6.98 -2.39 -19.65
C PHE A 98 -7.95 -1.25 -19.31
N PRO A 99 -8.41 -0.51 -20.33
CA PRO A 99 -9.36 0.60 -20.14
C PRO A 99 -10.70 0.28 -19.42
N GLU A 100 -11.18 -0.95 -19.53
CA GLU A 100 -12.38 -1.40 -18.93
C GLU A 100 -12.35 -1.59 -17.44
N VAL A 101 -11.15 -1.53 -16.90
CA VAL A 101 -10.78 -1.73 -15.48
C VAL A 101 -11.75 -1.00 -14.49
N GLU A 102 -12.24 -1.77 -13.53
CA GLU A 102 -13.20 -1.31 -12.50
C GLU A 102 -12.64 -1.30 -11.08
N VAL A 103 -11.55 -2.04 -10.87
CA VAL A 103 -10.93 -2.06 -9.57
C VAL A 103 -9.44 -2.31 -9.69
N ILE A 104 -8.68 -1.56 -8.90
CA ILE A 104 -7.23 -1.66 -8.86
C ILE A 104 -6.85 -2.50 -7.66
N ALA A 105 -6.10 -3.58 -7.87
CA ALA A 105 -5.69 -4.43 -6.75
C ALA A 105 -4.17 -4.51 -6.61
N GLY A 106 -3.66 -4.17 -5.43
CA GLY A 106 -2.23 -4.24 -5.24
C GLY A 106 -1.80 -5.56 -4.62
N THR A 107 -0.63 -6.03 -5.03
CA THR A 107 -0.06 -7.26 -4.50
C THR A 107 0.66 -6.99 -3.19
N ALA A 108 0.18 -7.59 -2.11
CA ALA A 108 0.82 -7.43 -0.81
C ALA A 108 2.25 -7.92 -0.84
N THR A 109 3.18 -7.08 -0.40
CA THR A 109 2.84 -5.75 0.06
C THR A 109 3.60 -4.68 -0.73
N ALA A 110 4.44 -5.12 -1.65
CA ALA A 110 5.26 -4.21 -2.44
C ALA A 110 4.44 -3.45 -3.49
N GLY A 111 3.34 -4.05 -3.92
CA GLY A 111 2.50 -3.44 -4.91
C GLY A 111 1.42 -2.52 -4.37
N ILE A 112 0.99 -2.74 -3.13
CA ILE A 112 -0.08 -1.92 -2.54
C ILE A 112 0.11 -0.39 -2.64
N PRO A 113 1.25 0.17 -2.21
CA PRO A 113 1.49 1.62 -2.27
C PRO A 113 1.24 2.24 -3.64
N HIS A 114 1.78 1.61 -4.68
CA HIS A 114 1.61 2.09 -6.06
C HIS A 114 0.12 2.02 -6.41
N GLY A 115 -0.49 0.87 -6.11
CA GLY A 115 -1.89 0.67 -6.39
C GLY A 115 -2.79 1.72 -5.74
N ALA A 116 -2.45 2.10 -4.51
CA ALA A 116 -3.24 3.10 -3.80
C ALA A 116 -3.25 4.39 -4.60
N ILE A 117 -2.05 4.91 -4.88
CA ILE A 117 -1.93 6.15 -5.63
C ILE A 117 -2.61 6.04 -6.99
N ILE A 118 -2.43 4.91 -7.66
CA ILE A 118 -3.07 4.68 -8.96
C ILE A 118 -4.58 4.81 -8.82
N ALA A 119 -5.16 4.10 -7.84
CA ALA A 119 -6.60 4.13 -7.60
C ALA A 119 -7.12 5.55 -7.31
N ASP A 120 -6.31 6.34 -6.62
CA ASP A 120 -6.70 7.71 -6.28
C ASP A 120 -6.72 8.58 -7.53
N LYS A 121 -5.68 8.47 -8.35
CA LYS A 121 -5.58 9.25 -9.57
C LYS A 121 -6.71 8.94 -10.53
N MET A 122 -7.05 7.66 -10.64
CA MET A 122 -8.12 7.23 -11.53
C MET A 122 -9.47 7.23 -10.83
N ASN A 123 -9.49 7.70 -9.59
CA ASN A 123 -10.70 7.71 -8.78
C ASN A 123 -11.45 6.39 -8.82
N LEU A 124 -10.69 5.29 -8.72
CA LEU A 124 -11.27 3.95 -8.74
C LEU A 124 -11.15 3.25 -7.40
N PRO A 125 -12.00 2.24 -7.16
CA PRO A 125 -11.95 1.50 -5.90
C PRO A 125 -10.61 0.77 -5.83
N LEU A 126 -10.07 0.67 -4.61
CA LEU A 126 -8.79 -0.01 -4.38
C LEU A 126 -8.99 -1.28 -3.54
N ALA A 127 -8.25 -2.32 -3.86
CA ALA A 127 -8.33 -3.56 -3.09
C ALA A 127 -6.92 -4.09 -3.02
N TYR A 128 -6.64 -5.02 -2.13
CA TYR A 128 -5.30 -5.59 -2.11
C TYR A 128 -5.30 -7.06 -1.74
N ILE A 129 -4.39 -7.83 -2.34
CA ILE A 129 -4.40 -9.27 -2.22
C ILE A 129 -3.21 -9.67 -1.45
N ARG A 130 -3.57 -10.43 -0.42
CA ARG A 130 -2.61 -10.95 0.56
C ARG A 130 -1.90 -12.23 0.12
N SER A 131 -0.77 -12.49 0.75
CA SER A 131 0.09 -13.73 0.47
C SER A 131 -0.78 -14.94 0.90
N LYS A 132 -1.61 -14.77 1.93
CA LYS A 132 -2.45 -15.87 2.39
C LYS A 132 -3.50 -15.33 3.32
N PRO A 133 -4.62 -16.06 3.49
CA PRO A 133 -5.70 -15.59 4.39
C PRO A 133 -5.25 -15.26 5.81
N LYS A 134 -6.08 -14.52 6.53
CA LYS A 134 -5.76 -14.11 7.91
C LYS A 134 -6.65 -14.81 8.92
N ASN A 140 -9.73 -16.19 2.21
CA ASN A 140 -10.06 -14.77 2.03
C ASN A 140 -8.79 -13.91 2.01
N GLN A 141 -8.18 -13.79 0.84
CA GLN A 141 -6.96 -13.01 0.70
C GLN A 141 -7.23 -11.59 0.19
N ILE A 142 -8.42 -11.38 -0.37
CA ILE A 142 -8.80 -10.07 -0.89
C ILE A 142 -9.27 -9.13 0.23
N GLU A 143 -8.54 -8.03 0.41
CA GLU A 143 -8.89 -7.05 1.42
C GLU A 143 -9.57 -5.91 0.69
N GLY A 144 -10.63 -5.39 1.29
CA GLY A 144 -11.36 -4.34 0.65
C GLY A 144 -12.65 -4.99 0.16
N ARG A 145 -13.40 -4.32 -0.70
CA ARG A 145 -14.63 -4.91 -1.18
C ARG A 145 -14.67 -5.04 -2.70
N VAL A 146 -14.71 -6.27 -3.19
CA VAL A 146 -14.77 -6.55 -4.61
C VAL A 146 -16.02 -7.36 -4.90
N THR A 147 -16.85 -6.89 -5.82
CA THR A 147 -18.06 -7.62 -6.15
C THR A 147 -17.81 -8.65 -7.24
N LYS A 148 -18.63 -9.70 -7.23
CA LYS A 148 -18.48 -10.78 -8.21
C LYS A 148 -18.46 -10.28 -9.65
N GLY A 149 -17.44 -10.67 -10.41
CA GLY A 149 -17.40 -10.24 -11.80
C GLY A 149 -16.69 -8.92 -12.09
N GLN A 150 -16.42 -8.14 -11.04
CA GLN A 150 -15.77 -6.85 -11.19
C GLN A 150 -14.43 -6.99 -11.92
N LYS A 151 -14.21 -6.14 -12.92
CA LYS A 151 -12.97 -6.18 -13.70
C LYS A 151 -11.81 -5.61 -12.90
N MET A 152 -10.77 -6.43 -12.75
CA MET A 152 -9.64 -6.04 -11.94
C MET A 152 -8.25 -6.06 -12.62
N VAL A 153 -7.45 -5.05 -12.33
CA VAL A 153 -6.10 -5.04 -12.87
C VAL A 153 -5.22 -5.17 -11.62
N ILE A 154 -4.27 -6.09 -11.64
CA ILE A 154 -3.43 -6.26 -10.48
C ILE A 154 -2.09 -5.55 -10.65
N ILE A 155 -1.68 -4.85 -9.61
CA ILE A 155 -0.43 -4.10 -9.65
C ILE A 155 0.70 -4.76 -8.87
N GLU A 156 1.83 -4.91 -9.55
CA GLU A 156 3.01 -5.52 -8.95
C GLU A 156 4.20 -4.61 -9.18
N ASP A 157 5.20 -4.65 -8.30
CA ASP A 157 6.35 -3.79 -8.50
C ASP A 157 7.44 -4.42 -9.36
N LEU A 158 7.75 -5.69 -9.10
CA LEU A 158 8.78 -6.38 -9.86
C LEU A 158 8.39 -7.78 -10.33
N ILE A 159 8.65 -8.07 -11.59
CA ILE A 159 8.37 -9.39 -12.14
C ILE A 159 9.70 -10.12 -12.31
N SER A 160 9.90 -11.17 -11.51
CA SER A 160 11.11 -11.97 -11.61
C SER A 160 10.68 -13.27 -12.27
N THR A 161 10.04 -14.17 -11.51
CA THR A 161 9.53 -15.43 -12.07
C THR A 161 8.06 -15.20 -12.36
N GLY A 162 7.46 -14.26 -11.63
CA GLY A 162 6.06 -13.97 -11.82
C GLY A 162 5.17 -14.71 -10.82
N GLY A 163 5.73 -15.74 -10.19
CA GLY A 163 4.96 -16.52 -9.23
C GLY A 163 4.13 -15.76 -8.22
N SER A 164 4.69 -14.74 -7.58
CA SER A 164 3.91 -13.99 -6.59
C SER A 164 2.63 -13.36 -7.13
N VAL A 165 2.75 -12.64 -8.24
CA VAL A 165 1.57 -11.98 -8.77
C VAL A 165 0.61 -13.00 -9.37
N LEU A 166 1.14 -14.08 -9.94
CA LEU A 166 0.28 -15.11 -10.52
C LEU A 166 -0.54 -15.76 -9.41
N ASP A 167 0.01 -15.88 -8.20
CA ASP A 167 -0.75 -16.44 -7.09
C ASP A 167 -1.80 -15.41 -6.69
N ALA A 168 -1.44 -14.13 -6.71
CA ALA A 168 -2.41 -13.09 -6.36
C ALA A 168 -3.56 -13.13 -7.37
N VAL A 169 -3.23 -13.36 -8.64
CA VAL A 169 -4.25 -13.44 -9.67
C VAL A 169 -5.19 -14.62 -9.40
N ALA A 170 -4.59 -15.79 -9.15
CA ALA A 170 -5.35 -17.02 -8.87
C ALA A 170 -6.30 -16.81 -7.68
N ALA A 171 -5.80 -16.20 -6.63
CA ALA A 171 -6.64 -15.95 -5.46
C ALA A 171 -7.80 -15.03 -5.82
N ALA A 172 -7.51 -13.96 -6.57
CA ALA A 172 -8.58 -13.02 -6.96
C ALA A 172 -9.64 -13.74 -7.79
N GLN A 173 -9.20 -14.58 -8.71
CA GLN A 173 -10.15 -15.31 -9.53
C GLN A 173 -11.00 -16.26 -8.66
N ARG A 174 -10.38 -16.90 -7.67
CA ARG A 174 -11.13 -17.81 -6.79
C ARG A 174 -12.21 -17.03 -6.05
N GLU A 175 -11.90 -15.80 -5.67
CA GLU A 175 -12.87 -15.00 -4.96
C GLU A 175 -13.88 -14.25 -5.85
N GLY A 176 -13.92 -14.55 -7.14
CA GLY A 176 -14.92 -13.90 -7.97
C GLY A 176 -14.49 -12.78 -8.93
N ALA A 177 -13.27 -12.31 -8.80
CA ALA A 177 -12.81 -11.23 -9.67
C ALA A 177 -12.58 -11.63 -11.11
N ASP A 178 -12.78 -10.68 -12.01
CA ASP A 178 -12.54 -10.91 -13.42
C ASP A 178 -11.25 -10.14 -13.65
N VAL A 179 -10.13 -10.84 -13.54
CA VAL A 179 -8.81 -10.25 -13.69
C VAL A 179 -8.42 -9.98 -15.13
N LEU A 180 -8.47 -8.71 -15.53
CA LEU A 180 -8.12 -8.34 -16.90
C LEU A 180 -6.66 -8.71 -17.15
N GLY A 181 -5.81 -8.46 -16.16
CA GLY A 181 -4.40 -8.78 -16.31
C GLY A 181 -3.54 -8.14 -15.26
N VAL A 182 -2.24 -8.10 -15.53
CA VAL A 182 -1.28 -7.54 -14.58
C VAL A 182 -0.40 -6.44 -15.18
N VAL A 183 -0.05 -5.46 -14.36
CA VAL A 183 0.83 -4.40 -14.83
C VAL A 183 1.90 -4.23 -13.76
N ALA A 184 3.16 -4.31 -14.17
CA ALA A 184 4.27 -4.16 -13.23
C ALA A 184 5.23 -3.06 -13.64
N ILE A 185 5.94 -2.52 -12.66
CA ILE A 185 6.90 -1.48 -12.95
C ILE A 185 8.05 -1.99 -13.81
N PHE A 186 8.58 -3.16 -13.44
CA PHE A 186 9.75 -3.70 -14.13
C PHE A 186 9.75 -5.23 -14.22
N THR A 187 10.45 -5.76 -15.22
CA THR A 187 10.59 -7.21 -15.38
C THR A 187 11.98 -7.58 -15.87
N TYR A 188 12.49 -8.71 -15.37
CA TYR A 188 13.79 -9.19 -15.78
C TYR A 188 13.71 -9.90 -17.14
N GLU A 189 12.49 -10.05 -17.65
CA GLU A 189 12.26 -10.73 -18.92
C GLU A 189 12.78 -12.16 -18.90
N LEU A 190 12.73 -12.81 -17.74
CA LEU A 190 13.18 -14.19 -17.65
C LEU A 190 12.25 -15.07 -18.47
N PRO A 191 12.80 -16.07 -19.18
CA PRO A 191 11.96 -16.98 -19.98
C PRO A 191 10.93 -17.64 -19.10
N LYS A 192 11.37 -18.04 -17.91
CA LYS A 192 10.49 -18.68 -16.93
C LYS A 192 9.22 -17.86 -16.75
N ALA A 193 9.38 -16.56 -16.51
CA ALA A 193 8.24 -15.68 -16.33
C ALA A 193 7.30 -15.73 -17.53
N THR A 194 7.82 -15.59 -18.75
CA THR A 194 6.93 -15.63 -19.90
C THR A 194 6.21 -16.99 -19.92
N ALA A 195 6.92 -18.07 -19.61
CA ALA A 195 6.30 -19.40 -19.58
C ALA A 195 5.22 -19.51 -18.52
N ASN A 196 5.49 -19.03 -17.30
CA ASN A 196 4.49 -19.06 -16.24
C ASN A 196 3.24 -18.27 -16.63
N PHE A 197 3.44 -17.10 -17.21
CA PHE A 197 2.33 -16.25 -17.63
C PHE A 197 1.57 -16.86 -18.79
N GLU A 198 2.28 -17.48 -19.72
CA GLU A 198 1.63 -18.10 -20.88
C GLU A 198 0.73 -19.21 -20.36
N LYS A 199 1.30 -20.10 -19.56
CA LYS A 199 0.53 -21.22 -19.03
C LYS A 199 -0.70 -20.81 -18.22
N ALA A 200 -0.59 -19.75 -17.43
CA ALA A 200 -1.74 -19.30 -16.64
C ALA A 200 -2.67 -18.44 -17.48
N SER A 201 -2.29 -18.18 -18.72
CA SER A 201 -3.13 -17.35 -19.59
C SER A 201 -3.37 -15.96 -19.01
N VAL A 202 -2.37 -15.34 -18.39
CA VAL A 202 -2.64 -14.00 -17.88
C VAL A 202 -1.79 -12.97 -18.62
N LYS A 203 -2.45 -11.88 -19.01
CA LYS A 203 -1.86 -10.79 -19.75
C LYS A 203 -0.99 -9.89 -18.88
N LEU A 204 0.27 -9.72 -19.26
CA LEU A 204 1.19 -8.88 -18.50
C LEU A 204 1.74 -7.67 -19.25
N VAL A 205 1.78 -6.53 -18.58
CA VAL A 205 2.32 -5.31 -19.19
C VAL A 205 3.24 -4.66 -18.16
N THR A 206 4.39 -4.16 -18.62
CA THR A 206 5.34 -3.54 -17.72
C THR A 206 5.80 -2.16 -18.19
N LEU A 207 5.98 -1.25 -17.25
CA LEU A 207 6.42 0.11 -17.57
C LEU A 207 7.80 0.13 -18.21
N SER A 208 8.70 -0.69 -17.70
CA SER A 208 10.04 -0.75 -18.26
C SER A 208 10.47 -2.21 -18.27
N ASN A 209 11.65 -2.50 -18.82
CA ASN A 209 12.12 -3.86 -18.88
C ASN A 209 13.63 -3.95 -18.92
N TYR A 210 14.13 -5.13 -18.56
CA TYR A 210 15.54 -5.47 -18.50
C TYR A 210 16.30 -4.99 -19.74
N SER A 211 15.85 -5.42 -20.92
CA SER A 211 16.53 -5.03 -22.15
C SER A 211 16.77 -3.54 -22.25
N GLU A 212 15.70 -2.75 -22.14
CA GLU A 212 15.83 -1.31 -22.22
C GLU A 212 16.66 -0.73 -21.09
N LEU A 213 16.55 -1.30 -19.88
CA LEU A 213 17.32 -0.75 -18.78
C LEU A 213 18.81 -0.93 -18.97
N ILE A 214 19.25 -2.10 -19.41
CA ILE A 214 20.68 -2.30 -19.60
C ILE A 214 21.20 -1.48 -20.78
N LYS A 215 20.38 -1.29 -21.80
CA LYS A 215 20.82 -0.47 -22.92
C LYS A 215 21.07 0.94 -22.40
N VAL A 216 20.10 1.46 -21.64
CA VAL A 216 20.24 2.77 -21.04
C VAL A 216 21.41 2.81 -20.06
N ALA A 217 21.61 1.73 -19.32
CA ALA A 217 22.72 1.67 -18.36
C ALA A 217 24.05 1.91 -19.04
N LYS A 218 24.25 1.31 -20.22
CA LYS A 218 25.50 1.48 -20.95
C LYS A 218 25.65 2.93 -21.39
N VAL A 219 24.64 3.45 -22.08
CA VAL A 219 24.66 4.82 -22.55
C VAL A 219 24.95 5.79 -21.40
N GLN A 220 24.35 5.56 -20.25
CA GLN A 220 24.53 6.45 -19.11
C GLN A 220 25.78 6.18 -18.26
N GLY A 221 26.61 5.24 -18.70
CA GLY A 221 27.85 4.96 -17.99
C GLY A 221 27.77 4.08 -16.75
N TYR A 222 26.63 3.47 -16.48
CA TYR A 222 26.53 2.59 -15.32
C TYR A 222 27.29 1.27 -15.52
N ILE A 223 27.49 0.92 -16.80
CA ILE A 223 28.21 -0.30 -17.18
C ILE A 223 28.97 -0.04 -18.48
N ASP A 224 29.91 -0.92 -18.80
CA ASP A 224 30.67 -0.80 -20.05
C ASP A 224 30.24 -1.93 -21.00
N ALA A 225 30.92 -2.01 -22.14
CA ALA A 225 30.61 -3.04 -23.12
C ALA A 225 30.56 -4.43 -22.47
N ASP A 226 31.65 -4.78 -21.78
CA ASP A 226 31.74 -6.07 -21.09
C ASP A 226 30.52 -6.36 -20.24
N GLY A 227 30.21 -5.41 -19.36
CA GLY A 227 29.09 -5.55 -18.46
C GLY A 227 27.80 -5.80 -19.23
N LEU A 228 27.60 -5.04 -20.30
CA LEU A 228 26.39 -5.22 -21.08
C LEU A 228 26.21 -6.63 -21.63
N THR A 229 27.29 -7.21 -22.13
CA THR A 229 27.18 -8.55 -22.69
C THR A 229 27.00 -9.56 -21.55
N LEU A 230 27.59 -9.27 -20.40
CA LEU A 230 27.44 -10.18 -19.26
C LEU A 230 25.97 -10.19 -18.83
N LEU A 231 25.34 -9.01 -18.85
CA LEU A 231 23.93 -8.89 -18.46
C LEU A 231 23.01 -9.60 -19.44
N LYS A 232 23.37 -9.56 -20.72
CA LYS A 232 22.55 -10.23 -21.72
C LYS A 232 22.61 -11.75 -21.49
N LYS A 233 23.81 -12.20 -21.15
CA LYS A 233 24.09 -13.61 -20.88
C LYS A 233 23.23 -14.09 -19.72
N PHE A 234 23.20 -13.30 -18.65
CA PHE A 234 22.45 -13.64 -17.44
C PHE A 234 20.96 -13.83 -17.72
N LYS A 235 20.42 -13.05 -18.63
CA LYS A 235 19.01 -13.15 -18.97
C LYS A 235 18.69 -14.44 -19.70
N GLU A 236 19.65 -14.92 -20.48
CA GLU A 236 19.48 -16.16 -21.24
C GLU A 236 19.76 -17.40 -20.41
N ASN A 237 20.58 -17.21 -19.31
CA ASN A 237 20.82 -18.35 -18.45
C ASN A 237 21.50 -17.89 -17.16
N GLN A 238 20.75 -17.90 -16.07
CA GLN A 238 21.25 -17.40 -14.80
C GLN A 238 22.27 -18.32 -14.14
N GLU A 239 22.96 -19.12 -14.94
CA GLU A 239 23.91 -20.09 -14.39
C GLU A 239 25.25 -20.09 -15.12
N THR A 240 25.17 -20.02 -16.44
CA THR A 240 26.36 -20.04 -17.27
C THR A 240 26.76 -18.68 -17.84
N TRP A 241 26.28 -17.58 -17.26
CA TRP A 241 26.63 -16.27 -17.79
C TRP A 241 28.05 -15.85 -17.47
N GLN A 242 28.60 -16.37 -16.38
CA GLN A 242 29.96 -16.03 -15.98
C GLN A 242 31.00 -16.90 -16.67
N ASP A 243 30.55 -17.76 -17.58
CA ASP A 243 31.42 -18.68 -18.29
C ASP A 243 31.84 -18.11 -19.64
N MET B 35 -13.64 17.74 13.35
CA MET B 35 -14.67 18.72 13.00
C MET B 35 -15.96 18.03 12.66
N THR B 36 -16.59 18.46 11.57
CA THR B 36 -17.69 17.72 11.01
C THR B 36 -17.04 16.54 10.34
N LEU B 37 -15.71 16.56 10.35
CA LEU B 37 -14.90 15.50 9.74
C LEU B 37 -15.11 14.18 10.47
N ALA B 38 -15.06 14.24 11.80
CA ALA B 38 -15.27 13.02 12.62
C ALA B 38 -16.69 12.53 12.40
N LYS B 39 -17.63 13.48 12.34
CA LYS B 39 -19.04 13.19 12.13
C LYS B 39 -19.24 12.60 10.73
N ASP B 40 -18.79 13.35 9.74
CA ASP B 40 -18.92 12.94 8.35
C ASP B 40 -18.31 11.55 8.09
N ILE B 41 -17.12 11.32 8.62
CA ILE B 41 -16.43 10.04 8.46
C ILE B 41 -17.19 8.89 9.13
N ALA B 42 -17.72 9.14 10.33
CA ALA B 42 -18.47 8.13 11.07
C ALA B 42 -19.70 7.77 10.23
N ARG B 43 -20.32 8.80 9.66
CA ARG B 43 -21.49 8.64 8.82
C ARG B 43 -21.15 7.65 7.70
N ASP B 44 -20.04 7.92 7.02
CA ASP B 44 -19.59 7.07 5.92
C ASP B 44 -19.28 5.66 6.40
N LEU B 45 -18.50 5.55 7.48
CA LEU B 45 -18.12 4.24 8.00
C LEU B 45 -19.34 3.36 8.24
N LEU B 46 -20.42 3.95 8.72
CA LEU B 46 -21.63 3.21 8.99
C LEU B 46 -22.39 2.87 7.71
N ASP B 47 -22.40 3.80 6.76
CA ASP B 47 -23.13 3.57 5.51
C ASP B 47 -22.52 2.52 4.59
N ILE B 48 -21.19 2.48 4.49
CA ILE B 48 -20.55 1.51 3.63
C ILE B 48 -20.25 0.23 4.38
N LYS B 49 -20.62 0.20 5.65
CA LYS B 49 -20.37 -0.96 6.48
C LYS B 49 -18.89 -1.20 6.78
N ALA B 50 -18.16 -0.12 7.05
CA ALA B 50 -16.76 -0.25 7.42
C ALA B 50 -16.84 -0.60 8.90
N VAL B 51 -17.84 -0.01 9.55
CA VAL B 51 -18.11 -0.22 10.96
C VAL B 51 -19.51 -0.81 11.07
N TYR B 52 -19.64 -1.88 11.85
CA TYR B 52 -20.93 -2.53 12.02
C TYR B 52 -21.28 -2.54 13.50
N LEU B 53 -22.46 -2.03 13.83
CA LEU B 53 -22.91 -2.00 15.22
C LEU B 53 -24.03 -3.01 15.41
N LYS B 54 -23.85 -3.89 16.39
CA LYS B 54 -24.82 -4.93 16.70
C LYS B 54 -24.85 -5.16 18.22
N PRO B 55 -25.27 -4.15 18.99
CA PRO B 55 -25.33 -4.25 20.45
C PRO B 55 -26.33 -5.27 20.99
N GLU B 56 -27.41 -5.51 20.26
CA GLU B 56 -28.42 -6.48 20.67
C GLU B 56 -27.97 -7.90 20.43
N GLU B 57 -26.97 -8.07 19.58
CA GLU B 57 -26.41 -9.38 19.26
C GLU B 57 -24.93 -9.23 18.88
N PRO B 58 -24.06 -9.14 19.90
CA PRO B 58 -22.61 -8.98 19.72
C PRO B 58 -21.97 -10.10 18.90
N PHE B 59 -20.69 -9.92 18.58
CA PHE B 59 -19.94 -10.87 17.78
C PHE B 59 -19.02 -11.69 18.68
N THR B 60 -18.54 -12.81 18.13
CA THR B 60 -17.63 -13.69 18.85
C THR B 60 -16.45 -14.08 17.96
N LYS B 66 -17.20 -11.25 23.60
CA LYS B 66 -18.38 -10.78 22.87
C LYS B 66 -18.33 -9.27 22.74
N SER B 67 -18.31 -8.79 21.51
CA SER B 67 -18.26 -7.35 21.24
C SER B 67 -19.50 -6.90 20.49
N PRO B 68 -19.95 -5.65 20.74
CA PRO B 68 -21.12 -5.10 20.07
C PRO B 68 -20.75 -4.37 18.78
N ILE B 69 -19.46 -4.31 18.49
CA ILE B 69 -18.99 -3.63 17.30
C ILE B 69 -17.97 -4.42 16.50
N TYR B 70 -18.07 -4.28 15.18
CA TYR B 70 -17.18 -4.96 14.24
C TYR B 70 -16.63 -3.85 13.33
N THR B 71 -15.31 -3.77 13.20
CA THR B 71 -14.70 -2.73 12.38
C THR B 71 -13.67 -3.24 11.37
N ASP B 72 -13.82 -2.80 10.12
CA ASP B 72 -12.90 -3.17 9.04
C ASP B 72 -12.78 -1.95 8.13
N ASN B 73 -11.86 -1.06 8.45
CA ASN B 73 -11.69 0.14 7.63
C ASN B 73 -11.02 -0.11 6.29
N ARG B 74 -10.48 -1.30 6.07
CA ARG B 74 -9.88 -1.61 4.79
C ARG B 74 -11.00 -1.49 3.74
N ILE B 75 -12.23 -1.52 4.22
CA ILE B 75 -13.38 -1.40 3.32
C ILE B 75 -13.42 -0.01 2.67
N THR B 76 -12.98 1.01 3.41
CA THR B 76 -12.99 2.37 2.88
C THR B 76 -12.20 2.47 1.59
N LEU B 77 -11.15 1.68 1.46
CA LEU B 77 -10.31 1.71 0.26
C LEU B 77 -11.10 1.43 -1.03
N SER B 78 -12.27 0.82 -0.90
CA SER B 78 -13.08 0.49 -2.07
C SER B 78 -14.11 1.55 -2.47
N TYR B 79 -14.27 2.55 -1.62
CA TYR B 79 -15.23 3.63 -1.88
C TYR B 79 -14.50 4.96 -2.09
N PRO B 80 -14.15 5.25 -3.34
CA PRO B 80 -13.44 6.47 -3.77
C PRO B 80 -13.76 7.73 -2.98
N GLU B 81 -15.03 8.11 -2.91
CA GLU B 81 -15.39 9.34 -2.19
C GLU B 81 -15.14 9.32 -0.67
N THR B 82 -15.36 8.17 -0.04
CA THR B 82 -15.12 8.04 1.39
C THR B 82 -13.61 8.02 1.59
N ARG B 83 -12.90 7.33 0.69
CA ARG B 83 -11.45 7.26 0.78
C ARG B 83 -10.82 8.65 0.67
N THR B 84 -11.32 9.45 -0.27
CA THR B 84 -10.82 10.81 -0.46
C THR B 84 -11.17 11.65 0.77
N LEU B 85 -12.37 11.46 1.28
CA LEU B 85 -12.79 12.19 2.47
C LEU B 85 -11.76 11.91 3.56
N ILE B 86 -11.41 10.65 3.73
CA ILE B 86 -10.45 10.25 4.75
C ILE B 86 -9.04 10.77 4.47
N GLU B 87 -8.52 10.50 3.28
CA GLU B 87 -7.17 10.96 2.98
C GLU B 87 -7.02 12.48 3.09
N ASN B 88 -7.99 13.23 2.55
CA ASN B 88 -7.93 14.69 2.66
C ASN B 88 -7.97 15.04 4.16
N GLY B 89 -8.76 14.27 4.92
CA GLY B 89 -8.85 14.50 6.36
C GLY B 89 -7.46 14.37 6.96
N PHE B 90 -6.79 13.27 6.65
CA PHE B 90 -5.44 13.04 7.16
C PHE B 90 -4.56 14.25 6.86
N VAL B 91 -4.49 14.62 5.58
CA VAL B 91 -3.69 15.74 5.13
C VAL B 91 -3.95 16.99 5.96
N GLU B 92 -5.21 17.39 6.08
CA GLU B 92 -5.50 18.59 6.86
C GLU B 92 -5.07 18.47 8.33
N THR B 93 -5.34 17.33 8.93
CA THR B 93 -4.98 17.08 10.32
C THR B 93 -3.46 17.10 10.49
N ILE B 94 -2.74 16.50 9.55
CA ILE B 94 -1.28 16.46 9.62
C ILE B 94 -0.70 17.87 9.53
N LYS B 95 -1.28 18.72 8.69
CA LYS B 95 -0.81 20.09 8.53
C LYS B 95 -0.94 20.88 9.82
N GLU B 96 -2.04 20.65 10.54
CA GLU B 96 -2.32 21.34 11.78
C GLU B 96 -1.57 20.79 13.00
N ALA B 97 -1.39 19.48 13.07
CA ALA B 97 -0.71 18.86 14.21
C ALA B 97 0.79 18.68 14.05
N PHE B 98 1.21 18.27 12.85
CA PHE B 98 2.63 18.03 12.58
C PHE B 98 3.09 18.71 11.29
N PRO B 99 2.97 20.04 11.22
CA PRO B 99 3.38 20.79 10.04
C PRO B 99 4.83 20.62 9.58
N GLU B 100 5.71 20.23 10.48
CA GLU B 100 7.13 20.04 10.15
C GLU B 100 7.45 18.65 9.62
N VAL B 101 6.42 17.88 9.29
CA VAL B 101 6.59 16.52 8.78
C VAL B 101 7.44 16.48 7.49
N GLU B 102 8.31 15.49 7.40
CA GLU B 102 9.18 15.34 6.25
C GLU B 102 9.00 14.01 5.52
N VAL B 103 8.50 13.00 6.23
CA VAL B 103 8.28 11.69 5.63
C VAL B 103 7.05 11.01 6.22
N ILE B 104 6.18 10.50 5.34
CA ILE B 104 4.97 9.80 5.75
C ILE B 104 5.28 8.31 5.85
N ALA B 105 4.90 7.67 6.95
CA ALA B 105 5.16 6.27 7.14
C ALA B 105 3.87 5.51 7.46
N GLY B 106 3.63 4.45 6.70
CA GLY B 106 2.44 3.65 6.90
C GLY B 106 2.76 2.41 7.71
N THR B 107 1.81 1.97 8.53
CA THR B 107 2.00 0.76 9.32
C THR B 107 1.52 -0.44 8.55
N ALA B 108 2.37 -1.44 8.41
CA ALA B 108 2.00 -2.64 7.66
C ALA B 108 0.84 -3.34 8.33
N THR B 109 -0.22 -3.60 7.57
CA THR B 109 -0.26 -3.24 6.16
C THR B 109 -1.53 -2.47 5.82
N ALA B 110 -2.42 -2.33 6.80
CA ALA B 110 -3.68 -1.63 6.60
C ALA B 110 -3.49 -0.13 6.50
N GLY B 111 -2.40 0.35 7.08
CA GLY B 111 -2.05 1.77 7.02
C GLY B 111 -1.33 2.25 5.74
N ILE B 112 -0.63 1.33 5.07
CA ILE B 112 0.14 1.65 3.87
C ILE B 112 -0.63 2.34 2.75
N PRO B 113 -1.82 1.83 2.40
CA PRO B 113 -2.60 2.46 1.32
C PRO B 113 -2.89 3.93 1.62
N HIS B 114 -3.40 4.19 2.81
CA HIS B 114 -3.72 5.54 3.22
C HIS B 114 -2.45 6.39 3.20
N GLY B 115 -1.35 5.83 3.70
CA GLY B 115 -0.12 6.60 3.72
C GLY B 115 0.34 6.95 2.31
N ALA B 116 0.28 5.99 1.39
CA ALA B 116 0.71 6.27 0.03
C ALA B 116 -0.05 7.45 -0.57
N ILE B 117 -1.38 7.43 -0.49
CA ILE B 117 -2.19 8.52 -1.02
C ILE B 117 -1.84 9.84 -0.34
N ILE B 118 -1.72 9.80 0.99
CA ILE B 118 -1.37 10.99 1.76
C ILE B 118 -0.03 11.56 1.24
N ALA B 119 0.97 10.70 1.13
CA ALA B 119 2.29 11.11 0.68
C ALA B 119 2.29 11.71 -0.71
N ASP B 120 1.39 11.23 -1.57
CA ASP B 120 1.29 11.76 -2.93
C ASP B 120 0.65 13.15 -2.89
N LYS B 121 -0.48 13.26 -2.18
CA LYS B 121 -1.19 14.54 -2.06
C LYS B 121 -0.29 15.63 -1.47
N MET B 122 0.52 15.26 -0.48
CA MET B 122 1.40 16.23 0.15
C MET B 122 2.78 16.26 -0.51
N ASN B 123 2.91 15.57 -1.64
CA ASN B 123 4.17 15.50 -2.38
C ASN B 123 5.33 15.22 -1.43
N LEU B 124 5.13 14.28 -0.51
CA LEU B 124 6.18 13.94 0.44
C LEU B 124 6.65 12.51 0.23
N PRO B 125 7.87 12.19 0.69
CA PRO B 125 8.47 10.86 0.57
C PRO B 125 7.60 9.88 1.35
N LEU B 126 7.56 8.63 0.92
CA LEU B 126 6.75 7.63 1.60
C LEU B 126 7.61 6.46 2.04
N ALA B 127 7.35 5.97 3.24
CA ALA B 127 8.04 4.82 3.78
C ALA B 127 7.02 4.00 4.56
N TYR B 128 7.35 2.74 4.82
CA TYR B 128 6.43 1.92 5.61
C TYR B 128 7.17 0.95 6.51
N ILE B 129 6.59 0.69 7.68
CA ILE B 129 7.20 -0.22 8.67
C ILE B 129 6.66 -1.64 8.64
N ARG B 130 7.55 -2.63 8.65
CA ARG B 130 7.13 -4.04 8.65
C ARG B 130 6.97 -4.56 10.08
N SER B 131 6.97 -5.88 10.22
CA SER B 131 6.82 -6.51 11.54
C SER B 131 7.60 -7.83 11.64
N GLN B 141 14.03 -2.68 9.36
CA GLN B 141 12.61 -2.99 9.40
C GLN B 141 11.78 -1.95 8.67
N ILE B 142 12.43 -0.88 8.21
CA ILE B 142 11.78 0.20 7.48
C ILE B 142 11.95 -0.03 5.98
N GLU B 143 10.84 -0.17 5.27
CA GLU B 143 10.89 -0.35 3.83
C GLU B 143 10.81 1.05 3.20
N GLY B 144 11.80 1.37 2.34
CA GLY B 144 11.88 2.68 1.70
C GLY B 144 13.22 3.26 2.05
N ARG B 145 13.35 4.59 2.05
CA ARG B 145 14.62 5.22 2.37
C ARG B 145 14.42 6.46 3.23
N VAL B 146 14.69 6.31 4.52
CA VAL B 146 14.56 7.38 5.51
C VAL B 146 15.91 7.80 6.05
N THR B 147 16.19 9.10 6.02
CA THR B 147 17.45 9.63 6.52
C THR B 147 17.37 9.94 8.01
N LYS B 148 18.51 9.76 8.69
CA LYS B 148 18.65 10.02 10.11
C LYS B 148 18.07 11.39 10.46
N GLY B 149 17.24 11.42 11.49
CA GLY B 149 16.62 12.65 11.97
C GLY B 149 15.46 13.18 11.15
N GLN B 150 15.06 12.45 10.12
CA GLN B 150 13.94 12.90 9.28
C GLN B 150 12.61 12.86 10.07
N LYS B 151 11.90 13.98 10.09
CA LYS B 151 10.64 14.08 10.82
C LYS B 151 9.53 13.26 10.17
N MET B 152 9.12 12.23 10.88
CA MET B 152 8.11 11.28 10.40
C MET B 152 6.79 11.26 11.15
N VAL B 153 5.71 11.04 10.40
CA VAL B 153 4.36 10.93 10.94
C VAL B 153 3.91 9.54 10.52
N ILE B 154 3.53 8.70 11.49
CA ILE B 154 3.10 7.35 11.16
C ILE B 154 1.59 7.28 11.00
N ILE B 155 1.15 6.59 9.95
CA ILE B 155 -0.27 6.46 9.62
C ILE B 155 -0.86 5.11 9.98
N GLU B 156 -1.98 5.11 10.68
CA GLU B 156 -2.62 3.87 11.10
C GLU B 156 -4.10 3.90 10.78
N ASP B 157 -4.64 2.72 10.53
CA ASP B 157 -6.04 2.54 10.21
C ASP B 157 -6.89 2.62 11.48
N LEU B 158 -6.70 1.65 12.37
CA LEU B 158 -7.46 1.60 13.61
C LEU B 158 -6.59 1.63 14.86
N ILE B 159 -7.12 2.24 15.90
CA ILE B 159 -6.41 2.28 17.17
C ILE B 159 -7.26 1.53 18.21
N SER B 160 -6.87 0.30 18.52
CA SER B 160 -7.58 -0.50 19.50
C SER B 160 -6.84 -0.30 20.81
N THR B 161 -5.76 -1.06 20.99
CA THR B 161 -4.93 -0.91 22.20
C THR B 161 -3.78 0.01 21.87
N GLY B 162 -3.50 0.12 20.58
CA GLY B 162 -2.43 0.99 20.12
C GLY B 162 -1.05 0.34 20.22
N GLY B 163 -1.05 -0.98 20.40
CA GLY B 163 0.20 -1.72 20.53
C GLY B 163 0.97 -1.87 19.23
N SER B 164 0.23 -2.10 18.15
CA SER B 164 0.82 -2.29 16.83
C SER B 164 1.57 -1.03 16.39
N VAL B 165 0.90 0.10 16.37
CA VAL B 165 1.53 1.35 15.95
C VAL B 165 2.70 1.70 16.84
N LEU B 166 2.50 1.60 18.15
CA LEU B 166 3.58 1.95 19.07
C LEU B 166 4.86 1.15 18.81
N ASP B 167 4.68 -0.09 18.37
CA ASP B 167 5.82 -0.93 18.04
C ASP B 167 6.46 -0.37 16.79
N ALA B 168 5.61 0.03 15.84
CA ALA B 168 6.07 0.60 14.59
C ALA B 168 6.82 1.88 14.93
N VAL B 169 6.28 2.66 15.85
CA VAL B 169 6.91 3.90 16.27
C VAL B 169 8.29 3.58 16.84
N ALA B 170 8.30 2.64 17.78
CA ALA B 170 9.53 2.22 18.44
C ALA B 170 10.59 1.82 17.42
N ALA B 171 10.20 0.95 16.49
CA ALA B 171 11.13 0.48 15.46
C ALA B 171 11.68 1.63 14.61
N ALA B 172 10.82 2.54 14.19
CA ALA B 172 11.22 3.67 13.36
C ALA B 172 12.29 4.49 14.06
N GLN B 173 12.06 4.82 15.33
CA GLN B 173 13.02 5.60 16.11
C GLN B 173 14.36 4.85 16.21
N ARG B 174 14.27 3.54 16.39
CA ARG B 174 15.44 2.68 16.49
C ARG B 174 16.26 2.74 15.22
N GLU B 175 15.62 3.15 14.12
CA GLU B 175 16.33 3.25 12.86
C GLU B 175 16.68 4.68 12.45
N GLY B 176 16.61 5.57 13.44
CA GLY B 176 16.95 6.96 13.25
C GLY B 176 15.91 7.98 12.84
N ALA B 177 14.64 7.58 12.83
CA ALA B 177 13.57 8.51 12.45
C ALA B 177 13.09 9.29 13.66
N ASP B 178 12.78 10.57 13.44
CA ASP B 178 12.26 11.44 14.49
C ASP B 178 10.76 11.45 14.32
N VAL B 179 10.09 10.53 15.00
CA VAL B 179 8.64 10.40 14.92
C VAL B 179 7.93 11.55 15.62
N LEU B 180 7.22 12.37 14.86
CA LEU B 180 6.48 13.51 15.40
C LEU B 180 5.24 13.05 16.13
N GLY B 181 4.70 11.91 15.71
CA GLY B 181 3.52 11.35 16.32
C GLY B 181 2.74 10.42 15.41
N VAL B 182 1.51 10.09 15.78
CA VAL B 182 0.67 9.19 15.01
C VAL B 182 -0.69 9.81 14.72
N VAL B 183 -1.27 9.39 13.59
CA VAL B 183 -2.60 9.82 13.17
C VAL B 183 -3.30 8.60 12.61
N ALA B 184 -4.50 8.31 13.12
CA ALA B 184 -5.28 7.16 12.67
C ALA B 184 -6.68 7.58 12.27
N ILE B 185 -7.31 6.76 11.45
CA ILE B 185 -8.67 7.04 10.99
C ILE B 185 -9.69 7.00 12.13
N PHE B 186 -9.63 5.93 12.91
CA PHE B 186 -10.59 5.69 13.99
C PHE B 186 -9.94 5.15 15.26
N THR B 187 -10.63 5.32 16.38
CA THR B 187 -10.14 4.82 17.67
C THR B 187 -11.32 4.42 18.56
N TYR B 188 -11.17 3.32 19.28
CA TYR B 188 -12.21 2.86 20.18
C TYR B 188 -12.17 3.66 21.48
N GLU B 189 -11.16 4.49 21.63
CA GLU B 189 -10.99 5.34 22.83
C GLU B 189 -10.75 4.52 24.09
N LEU B 190 -10.26 3.29 23.93
CA LEU B 190 -9.98 2.41 25.06
C LEU B 190 -8.98 3.08 26.01
N PRO B 191 -9.25 3.02 27.32
CA PRO B 191 -8.35 3.63 28.32
C PRO B 191 -6.94 3.06 28.22
N LYS B 192 -6.85 1.79 27.85
CA LYS B 192 -5.56 1.12 27.74
C LYS B 192 -4.68 1.85 26.72
N ALA B 193 -5.29 2.20 25.58
CA ALA B 193 -4.59 2.89 24.50
C ALA B 193 -4.05 4.24 24.95
N THR B 194 -4.88 4.99 25.67
CA THR B 194 -4.47 6.30 26.18
C THR B 194 -3.25 6.11 27.08
N ALA B 195 -3.27 5.03 27.85
CA ALA B 195 -2.18 4.72 28.78
C ALA B 195 -0.92 4.42 27.97
N ASN B 196 -1.02 3.41 27.10
CA ASN B 196 0.10 3.02 26.26
C ASN B 196 0.75 4.22 25.59
N PHE B 197 -0.07 5.08 25.01
CA PHE B 197 0.43 6.27 24.34
C PHE B 197 1.03 7.28 25.31
N GLU B 198 0.40 7.42 26.47
CA GLU B 198 0.88 8.34 27.49
C GLU B 198 2.25 7.91 28.02
N LYS B 199 2.42 6.59 28.16
CA LYS B 199 3.68 6.04 28.65
C LYS B 199 4.78 6.25 27.61
N ALA B 200 4.56 5.72 26.40
CA ALA B 200 5.55 5.84 25.33
C ALA B 200 5.79 7.28 24.88
N SER B 201 5.02 8.19 25.47
CA SER B 201 5.14 9.61 25.14
C SER B 201 5.03 9.86 23.65
N VAL B 202 3.98 9.32 23.04
CA VAL B 202 3.75 9.50 21.61
C VAL B 202 2.43 10.24 21.40
N LYS B 203 2.47 11.31 20.61
CA LYS B 203 1.26 12.07 20.35
C LYS B 203 0.38 11.33 19.34
N LEU B 204 -0.92 11.31 19.62
CA LEU B 204 -1.88 10.63 18.76
C LEU B 204 -3.02 11.56 18.37
N VAL B 205 -3.48 11.43 17.13
CA VAL B 205 -4.59 12.21 16.62
C VAL B 205 -5.41 11.31 15.72
N THR B 206 -6.71 11.35 15.85
CA THR B 206 -7.59 10.52 15.03
C THR B 206 -8.55 11.39 14.26
N LEU B 207 -9.04 10.88 13.12
CA LEU B 207 -9.98 11.63 12.29
C LEU B 207 -11.40 11.49 12.83
N SER B 208 -11.66 10.37 13.50
CA SER B 208 -12.96 10.10 14.07
C SER B 208 -12.77 9.19 15.27
N ASN B 209 -13.79 9.09 16.11
CA ASN B 209 -13.71 8.27 17.31
C ASN B 209 -14.97 7.49 17.66
N TYR B 210 -14.86 6.60 18.65
CA TYR B 210 -15.98 5.77 19.09
C TYR B 210 -17.21 6.55 19.55
N SER B 211 -16.98 7.56 20.41
CA SER B 211 -18.07 8.39 20.94
C SER B 211 -18.87 9.06 19.83
N GLU B 212 -18.17 9.73 18.92
CA GLU B 212 -18.83 10.42 17.82
C GLU B 212 -19.58 9.43 16.94
N LEU B 213 -18.96 8.29 16.66
CA LEU B 213 -19.61 7.31 15.79
C LEU B 213 -20.89 6.73 16.37
N ILE B 214 -20.91 6.45 17.67
CA ILE B 214 -22.13 5.89 18.25
C ILE B 214 -23.22 6.94 18.34
N LYS B 215 -22.83 8.19 18.62
CA LYS B 215 -23.80 9.28 18.68
C LYS B 215 -24.47 9.37 17.31
N VAL B 216 -23.64 9.34 16.27
CA VAL B 216 -24.13 9.41 14.91
C VAL B 216 -24.99 8.19 14.58
N ALA B 217 -24.60 7.03 15.12
CA ALA B 217 -25.34 5.79 14.87
C ALA B 217 -26.76 5.90 15.39
N LYS B 218 -26.93 6.56 16.54
CA LYS B 218 -28.26 6.70 17.11
C LYS B 218 -29.10 7.64 16.25
N VAL B 219 -28.56 8.81 15.97
CA VAL B 219 -29.26 9.80 15.17
C VAL B 219 -29.70 9.24 13.83
N GLN B 220 -28.78 8.52 13.17
CA GLN B 220 -29.02 7.93 11.86
C GLN B 220 -29.88 6.67 11.91
N GLY B 221 -30.24 6.22 13.10
CA GLY B 221 -31.07 5.04 13.18
C GLY B 221 -30.42 3.69 13.00
N TYR B 222 -29.13 3.57 13.31
CA TYR B 222 -28.42 2.31 13.22
C TYR B 222 -28.64 1.56 14.50
N ILE B 223 -28.77 2.30 15.60
CA ILE B 223 -29.00 1.72 16.92
C ILE B 223 -30.06 2.52 17.67
N ASP B 224 -30.75 1.88 18.61
CA ASP B 224 -31.76 2.58 19.39
C ASP B 224 -31.18 3.00 20.72
N ALA B 225 -31.96 3.70 21.53
CA ALA B 225 -31.52 4.19 22.84
C ALA B 225 -30.85 3.13 23.70
N ASP B 226 -31.31 1.88 23.64
CA ASP B 226 -30.73 0.81 24.43
C ASP B 226 -29.35 0.43 23.91
N GLY B 227 -29.24 0.27 22.59
CA GLY B 227 -27.95 -0.07 22.01
C GLY B 227 -26.91 0.95 22.38
N LEU B 228 -27.28 2.23 22.27
CA LEU B 228 -26.41 3.32 22.58
C LEU B 228 -25.79 3.15 23.97
N THR B 229 -26.61 3.18 25.01
CA THR B 229 -26.07 3.02 26.36
C THR B 229 -25.25 1.75 26.51
N LEU B 230 -25.64 0.69 25.80
CA LEU B 230 -24.90 -0.58 25.83
C LEU B 230 -23.50 -0.35 25.27
N LEU B 231 -23.39 0.44 24.20
CA LEU B 231 -22.10 0.74 23.59
C LEU B 231 -21.24 1.59 24.48
N LYS B 232 -21.85 2.47 25.29
CA LYS B 232 -21.10 3.31 26.20
C LYS B 232 -20.50 2.40 27.27
N LYS B 233 -21.28 1.45 27.76
CA LYS B 233 -20.78 0.53 28.79
C LYS B 233 -19.61 -0.30 28.28
N PHE B 234 -19.65 -0.71 27.02
CA PHE B 234 -18.59 -1.49 26.44
C PHE B 234 -17.28 -0.72 26.45
N LYS B 235 -17.35 0.59 26.22
CA LYS B 235 -16.16 1.41 26.23
C LYS B 235 -15.59 1.47 27.65
N GLU B 236 -16.47 1.60 28.64
CA GLU B 236 -16.07 1.69 30.04
C GLU B 236 -15.49 0.36 30.53
N ASN B 237 -15.99 -0.76 30.02
CA ASN B 237 -15.47 -2.08 30.41
C ASN B 237 -15.96 -3.09 29.41
N GLN B 238 -15.01 -3.71 28.70
CA GLN B 238 -15.34 -4.70 27.66
C GLN B 238 -15.94 -5.98 28.23
N GLU B 239 -15.84 -6.15 29.55
CA GLU B 239 -16.39 -7.34 30.21
C GLU B 239 -17.81 -7.29 30.76
N THR B 240 -18.14 -6.25 31.52
CA THR B 240 -19.46 -6.14 32.14
C THR B 240 -20.41 -5.16 31.47
N TRP B 241 -20.37 -5.05 30.15
CA TRP B 241 -21.27 -4.11 29.48
C TRP B 241 -22.72 -4.60 29.38
N GLN B 242 -22.88 -5.92 29.27
CA GLN B 242 -24.22 -6.50 29.18
C GLN B 242 -24.86 -6.71 30.56
S SO4 C . 8.63 -13.17 -8.16
O1 SO4 C . 7.61 -13.96 -7.51
O2 SO4 C . 9.73 -14.02 -8.54
O3 SO4 C . 8.07 -12.55 -9.34
O4 SO4 C . 9.10 -12.13 -7.26
S SO4 D . 6.45 -8.06 -0.53
O1 SO4 D . 5.35 -8.55 0.28
O2 SO4 D . 7.59 -8.95 -0.38
O3 SO4 D . 6.06 -8.02 -1.93
O4 SO4 D . 6.82 -6.73 -0.07
S SO4 E . -3.65 -5.85 8.35
O1 SO4 E . -4.95 -5.31 8.71
O2 SO4 E . -3.35 -7.00 9.18
O3 SO4 E . -3.67 -6.27 6.95
O4 SO4 E . -2.63 -4.83 8.55
S SO4 F . -3.92 -2.56 18.02
O1 SO4 F . -4.30 -3.32 16.84
O2 SO4 F . -4.61 -3.09 19.19
O3 SO4 F . -2.48 -2.68 18.23
O4 SO4 F . -4.26 -1.16 17.84
#